data_1JF1
#
_entry.id   1JF1
#
_cell.length_a   49.020
_cell.length_b   75.250
_cell.length_c   121.640
_cell.angle_alpha   90.00
_cell.angle_beta   90.00
_cell.angle_gamma   90.00
#
_symmetry.space_group_name_H-M   'P 21 21 21'
#
loop_
_entity.id
_entity.type
_entity.pdbx_description
1 polymer 'HLA CLASS I HISTOCOMPATIBILITY ANTIGEN, A-2 ALPHA CHAIN'
2 polymer beta-2-microglobulin
3 polymer 'decameric peptide ligand from the MART-1/Melan-A'
4 non-polymer 'ZINC ION'
5 water water
#
loop_
_entity_poly.entity_id
_entity_poly.type
_entity_poly.pdbx_seq_one_letter_code
_entity_poly.pdbx_strand_id
1 'polypeptide(L)'
;GSHSMRYFFTSVSRPGRGEPRFIAVGYVDDTQFVRFDSDAASQRMEPRAPWIEQEGPEYWDGETRKVKAHSQTHRVDLGT
LRGYYNQSEAGSHTVQRMYGCDVGSDWRFLRGYHQYAYDGKDYIALKEDLRSWTAADMAAQTTKHKWEAAHVAEQLRAYL
EGTCVEWLRRYLENGKETLQRTDAPKTHMTHHAVSDHEATLRCWALSFYPAEITLTWQRDGEDQTQDTELVETRPAGDGT
FQKWAAVVVPSGQEQRYTCHVQHEGLPKPLTLRWE
;
A
2 'polypeptide(L)'
;MIQRTPKIQVYSRHPAENGKSNFLNCYVSGFHPSDIEVDLLKNGERIEKVEHSDLSFSKDWSFYLLYYTEFTPTEKDEYA
CRVNHVTLSQPKIVKWDRDM
;
B
3 'polypeptide(L)' ELAGIGILTV C
#
# COMPACT_ATOMS: atom_id res chain seq x y z
N GLY A 1 -19.20 1.29 -9.52
CA GLY A 1 -18.69 0.13 -8.76
C GLY A 1 -18.64 0.49 -7.28
N SER A 2 -18.02 -0.39 -6.50
CA SER A 2 -17.90 -0.15 -5.06
C SER A 2 -16.76 0.83 -4.78
N HIS A 3 -16.74 1.41 -3.59
CA HIS A 3 -15.70 2.35 -3.20
C HIS A 3 -15.38 2.17 -1.73
N SER A 4 -14.19 2.62 -1.32
CA SER A 4 -13.80 2.49 0.08
C SER A 4 -13.01 3.69 0.53
N MET A 5 -13.00 3.91 1.84
CA MET A 5 -12.21 4.96 2.43
C MET A 5 -11.45 4.28 3.55
N ARG A 6 -10.14 4.50 3.61
CA ARG A 6 -9.37 3.83 4.62
C ARG A 6 -8.33 4.74 5.23
N TYR A 7 -8.15 4.62 6.53
CA TYR A 7 -7.11 5.39 7.20
C TYR A 7 -6.14 4.35 7.77
N PHE A 8 -4.84 4.56 7.55
CA PHE A 8 -3.78 3.65 8.00
C PHE A 8 -2.86 4.45 8.92
N PHE A 9 -2.55 3.90 10.08
CA PHE A 9 -1.73 4.60 11.06
C PHE A 9 -0.60 3.66 11.47
N THR A 10 0.62 4.18 11.52
CA THR A 10 1.75 3.35 11.92
C THR A 10 2.48 4.12 12.99
N SER A 11 2.78 3.44 14.10
CA SER A 11 3.52 4.07 15.21
C SER A 11 4.71 3.16 15.51
N VAL A 12 5.90 3.72 15.63
CA VAL A 12 7.09 2.87 15.82
C VAL A 12 7.92 3.45 16.94
N SER A 13 8.22 2.64 17.97
CA SER A 13 9.02 3.19 19.07
C SER A 13 10.46 3.30 18.61
N ARG A 14 11.18 4.22 19.24
CA ARG A 14 12.56 4.44 18.91
C ARG A 14 13.33 4.47 20.23
N PRO A 15 13.67 3.27 20.75
CA PRO A 15 14.39 3.10 22.02
C PRO A 15 15.65 3.96 22.04
N GLY A 16 15.78 4.72 23.11
CA GLY A 16 16.91 5.61 23.30
C GLY A 16 17.02 6.74 22.31
N ARG A 17 16.01 6.91 21.46
CA ARG A 17 16.04 7.96 20.45
C ARG A 17 14.80 8.84 20.54
N GLY A 18 14.21 8.89 21.72
CA GLY A 18 13.06 9.74 21.93
C GLY A 18 11.67 9.29 21.56
N GLU A 19 10.91 10.23 21.00
CA GLU A 19 9.52 10.01 20.69
C GLU A 19 9.30 9.06 19.53
N PRO A 20 8.22 8.29 19.59
CA PRO A 20 7.93 7.33 18.49
C PRO A 20 7.58 8.04 17.21
N ARG A 21 7.82 7.35 16.10
CA ARG A 21 7.48 7.88 14.78
C ARG A 21 5.96 7.64 14.64
N PHE A 22 5.25 8.59 14.04
CA PHE A 22 3.82 8.37 13.81
C PHE A 22 3.49 8.82 12.40
N ILE A 23 2.92 7.93 11.61
CA ILE A 23 2.56 8.28 10.24
C ILE A 23 1.13 7.88 9.98
N ALA A 24 0.33 8.80 9.43
CA ALA A 24 -1.04 8.47 9.15
C ALA A 24 -1.30 8.83 7.69
N VAL A 25 -2.01 7.98 6.97
CA VAL A 25 -2.37 8.30 5.58
C VAL A 25 -3.82 7.92 5.34
N GLY A 26 -4.49 8.65 4.45
CA GLY A 26 -5.89 8.38 4.14
C GLY A 26 -5.99 8.10 2.65
N TYR A 27 -6.82 7.13 2.30
CA TYR A 27 -7.03 6.72 0.91
C TYR A 27 -8.53 6.63 0.58
N VAL A 28 -8.91 6.95 -0.65
CA VAL A 28 -10.27 6.67 -1.11
C VAL A 28 -9.87 5.75 -2.24
N ASP A 29 -10.38 4.52 -2.21
CA ASP A 29 -10.00 3.48 -3.15
C ASP A 29 -8.45 3.39 -3.17
N ASP A 30 -7.82 3.45 -4.33
CA ASP A 30 -6.37 3.36 -4.37
C ASP A 30 -5.70 4.73 -4.50
N THR A 31 -6.41 5.80 -4.14
CA THR A 31 -5.83 7.12 -4.23
C THR A 31 -5.60 7.76 -2.86
N GLN A 32 -4.33 8.07 -2.56
CA GLN A 32 -4.06 8.70 -1.25
C GLN A 32 -4.55 10.14 -1.27
N PHE A 33 -5.13 10.61 -0.17
CA PHE A 33 -5.55 12.00 -0.19
C PHE A 33 -5.07 12.87 0.95
N VAL A 34 -4.61 12.27 2.03
CA VAL A 34 -4.08 13.08 3.13
C VAL A 34 -2.96 12.32 3.83
N ARG A 35 -2.08 13.04 4.52
CA ARG A 35 -1.02 12.39 5.30
C ARG A 35 -0.66 13.26 6.50
N PHE A 36 -0.09 12.61 7.50
CA PHE A 36 0.43 13.33 8.64
C PHE A 36 1.70 12.55 8.98
N ASP A 37 2.82 13.24 9.21
CA ASP A 37 4.04 12.51 9.58
C ASP A 37 4.66 13.28 10.74
N SER A 38 4.84 12.62 11.88
CA SER A 38 5.40 13.25 13.08
C SER A 38 6.77 13.87 12.80
N ASP A 39 7.47 13.36 11.80
CA ASP A 39 8.81 13.89 11.49
C ASP A 39 8.80 15.01 10.41
N ALA A 40 7.62 15.36 9.89
CA ALA A 40 7.52 16.41 8.87
C ALA A 40 7.50 17.79 9.50
N ALA A 41 7.62 18.83 8.68
CA ALA A 41 7.71 20.20 9.21
C ALA A 41 6.43 20.85 9.69
N SER A 42 5.34 20.61 8.98
CA SER A 42 4.08 21.27 9.34
C SER A 42 3.43 20.89 10.66
N GLN A 43 3.56 19.63 11.07
CA GLN A 43 2.88 19.13 12.25
C GLN A 43 1.37 19.30 12.05
N ARG A 44 0.94 19.11 10.81
CA ARG A 44 -0.47 19.22 10.49
C ARG A 44 -0.87 18.15 9.50
N MET A 45 -2.16 17.87 9.44
CA MET A 45 -2.68 16.95 8.43
C MET A 45 -2.51 17.73 7.13
N GLU A 46 -1.99 17.07 6.10
CA GLU A 46 -1.72 17.73 4.83
C GLU A 46 -2.41 17.05 3.65
N PRO A 47 -2.76 17.84 2.62
CA PRO A 47 -3.41 17.26 1.46
C PRO A 47 -2.44 16.53 0.54
N ARG A 48 -2.93 15.51 -0.13
CA ARG A 48 -2.12 14.76 -1.10
C ARG A 48 -2.92 14.45 -2.38
N ALA A 49 -4.08 15.09 -2.51
CA ALA A 49 -4.89 14.93 -3.72
C ALA A 49 -5.46 16.31 -4.03
N PRO A 50 -5.59 16.66 -5.32
CA PRO A 50 -6.12 17.99 -5.63
C PRO A 50 -7.52 18.25 -5.12
N TRP A 51 -8.37 17.24 -5.16
CA TRP A 51 -9.74 17.48 -4.74
C TRP A 51 -9.96 17.71 -3.26
N ILE A 52 -8.98 17.40 -2.41
CA ILE A 52 -9.16 17.62 -0.99
C ILE A 52 -8.67 19.03 -0.60
N GLU A 53 -7.87 19.64 -1.48
CA GLU A 53 -7.35 20.97 -1.19
C GLU A 53 -8.42 22.04 -1.05
N GLN A 54 -9.55 21.83 -1.68
CA GLN A 54 -10.66 22.79 -1.56
C GLN A 54 -11.27 22.82 -0.16
N GLU A 55 -11.05 21.79 0.65
CA GLU A 55 -11.61 21.81 2.01
C GLU A 55 -11.03 23.03 2.73
N GLY A 56 -11.86 23.65 3.56
CA GLY A 56 -11.46 24.85 4.29
C GLY A 56 -10.65 24.65 5.56
N PRO A 57 -10.24 25.75 6.18
CA PRO A 57 -9.45 25.72 7.40
C PRO A 57 -10.08 24.94 8.53
N GLU A 58 -11.40 24.90 8.60
CA GLU A 58 -12.06 24.17 9.67
C GLU A 58 -11.76 22.69 9.51
N TYR A 59 -11.76 22.25 8.26
CA TYR A 59 -11.50 20.84 7.98
C TYR A 59 -10.07 20.52 8.40
N TRP A 60 -9.11 21.31 7.92
CA TRP A 60 -7.73 21.03 8.23
C TRP A 60 -7.42 21.15 9.72
N ASP A 61 -8.01 22.14 10.39
CA ASP A 61 -7.78 22.26 11.83
C ASP A 61 -8.34 21.05 12.55
N GLY A 62 -9.56 20.66 12.17
CA GLY A 62 -10.20 19.50 12.77
C GLY A 62 -9.42 18.22 12.54
N GLU A 63 -8.97 18.02 11.31
CA GLU A 63 -8.21 16.79 11.00
C GLU A 63 -6.87 16.75 11.73
N THR A 64 -6.22 17.90 11.83
CA THR A 64 -4.97 18.01 12.55
C THR A 64 -5.18 17.74 14.03
N ARG A 65 -6.23 18.32 14.63
CA ARG A 65 -6.53 18.03 16.03
C ARG A 65 -6.78 16.52 16.25
N LYS A 66 -7.54 15.90 15.36
CA LYS A 66 -7.82 14.47 15.56
C LYS A 66 -6.63 13.57 15.29
N VAL A 67 -5.79 13.92 14.30
CA VAL A 67 -4.68 13.04 14.01
C VAL A 67 -3.66 13.13 15.13
N LYS A 68 -3.56 14.30 15.75
CA LYS A 68 -2.64 14.44 16.88
C LYS A 68 -3.15 13.64 18.07
N ALA A 69 -4.47 13.61 18.23
CA ALA A 69 -5.06 12.84 19.32
C ALA A 69 -4.75 11.37 19.08
N HIS A 70 -4.85 10.94 17.82
CA HIS A 70 -4.57 9.54 17.47
C HIS A 70 -3.12 9.26 17.83
N SER A 71 -2.25 10.21 17.50
CA SER A 71 -0.84 10.06 17.76
C SER A 71 -0.58 9.85 19.24
N GLN A 72 -1.24 10.67 20.05
CA GLN A 72 -1.08 10.61 21.49
C GLN A 72 -1.54 9.27 22.05
N THR A 73 -2.65 8.76 21.53
CA THR A 73 -3.17 7.47 21.99
C THR A 73 -2.16 6.37 21.67
N HIS A 74 -1.61 6.39 20.46
CA HIS A 74 -0.64 5.37 20.07
C HIS A 74 0.64 5.48 20.89
N ARG A 75 1.01 6.71 21.27
CA ARG A 75 2.22 6.87 22.08
C ARG A 75 2.03 6.13 23.42
N VAL A 76 0.85 6.29 24.01
CA VAL A 76 0.56 5.59 25.25
C VAL A 76 0.51 4.07 25.01
N ASP A 77 -0.17 3.68 23.93
CA ASP A 77 -0.30 2.26 23.60
C ASP A 77 1.07 1.55 23.54
N LEU A 78 2.07 2.18 22.91
CA LEU A 78 3.38 1.53 22.82
C LEU A 78 3.89 1.12 24.21
N GLY A 79 3.76 2.01 25.18
CA GLY A 79 4.21 1.72 26.53
C GLY A 79 3.35 0.65 27.17
N THR A 80 2.05 0.75 26.97
CA THR A 80 1.15 -0.23 27.58
C THR A 80 1.43 -1.64 27.05
N LEU A 81 1.61 -1.75 25.75
CA LEU A 81 1.86 -3.04 25.13
C LEU A 81 3.19 -3.64 25.55
N ARG A 82 4.22 -2.80 25.65
CA ARG A 82 5.52 -3.28 26.09
C ARG A 82 5.28 -3.88 27.49
N GLY A 83 4.38 -3.26 28.25
CA GLY A 83 4.05 -3.76 29.58
C GLY A 83 3.27 -5.07 29.52
N TYR A 84 2.24 -5.12 28.69
CA TYR A 84 1.44 -6.33 28.60
C TYR A 84 2.30 -7.53 28.23
N TYR A 85 3.28 -7.31 27.36
CA TYR A 85 4.13 -8.41 26.92
C TYR A 85 5.46 -8.50 27.67
N ASN A 86 5.60 -7.66 28.70
CA ASN A 86 6.82 -7.57 29.49
C ASN A 86 8.07 -7.57 28.60
N GLN A 87 8.09 -6.70 27.58
CA GLN A 87 9.22 -6.63 26.69
C GLN A 87 10.21 -5.58 27.20
N SER A 88 11.47 -5.75 26.85
CA SER A 88 12.51 -4.85 27.33
C SER A 88 12.37 -3.48 26.66
N GLU A 89 13.09 -2.50 27.16
CA GLU A 89 13.05 -1.16 26.54
C GLU A 89 14.06 -1.07 25.41
N ALA A 90 14.80 -2.14 25.19
CA ALA A 90 15.80 -2.12 24.13
C ALA A 90 15.29 -2.22 22.70
N GLY A 91 14.14 -2.85 22.49
CA GLY A 91 13.72 -3.03 21.12
C GLY A 91 12.64 -2.12 20.60
N SER A 92 12.64 -1.94 19.28
CA SER A 92 11.64 -1.09 18.65
C SER A 92 10.42 -1.97 18.42
N HIS A 93 9.23 -1.43 18.63
CA HIS A 93 8.01 -2.19 18.37
C HIS A 93 7.10 -1.37 17.51
N THR A 94 6.16 -2.05 16.88
CA THR A 94 5.29 -1.35 15.94
C THR A 94 3.81 -1.53 16.23
N VAL A 95 3.05 -0.42 16.20
CA VAL A 95 1.61 -0.54 16.35
C VAL A 95 1.03 -0.06 15.02
N GLN A 96 0.03 -0.78 14.53
CA GLN A 96 -0.61 -0.36 13.28
C GLN A 96 -2.09 -0.39 13.46
N ARG A 97 -2.77 0.62 12.94
CA ARG A 97 -4.20 0.65 13.04
C ARG A 97 -4.77 0.96 11.67
N MET A 98 -5.87 0.31 11.33
CA MET A 98 -6.53 0.59 10.07
C MET A 98 -8.04 0.62 10.31
N TYR A 99 -8.73 1.59 9.74
CA TYR A 99 -10.18 1.62 9.88
C TYR A 99 -10.76 2.30 8.65
N GLY A 100 -12.02 2.02 8.38
CA GLY A 100 -12.63 2.65 7.21
C GLY A 100 -13.91 1.94 6.85
N CYS A 101 -14.48 2.33 5.72
CA CYS A 101 -15.76 1.79 5.32
C CYS A 101 -15.81 1.54 3.83
N ASP A 102 -16.70 0.63 3.41
CA ASP A 102 -16.90 0.33 1.99
C ASP A 102 -18.35 0.68 1.68
N VAL A 103 -18.62 1.17 0.47
CA VAL A 103 -20.01 1.43 0.04
C VAL A 103 -20.17 0.70 -1.31
N GLY A 104 -21.39 0.27 -1.61
CA GLY A 104 -21.62 -0.40 -2.87
C GLY A 104 -21.81 0.56 -4.04
N SER A 105 -22.21 0.02 -5.18
CA SER A 105 -22.42 0.82 -6.38
C SER A 105 -23.43 1.91 -6.17
N ASP A 106 -24.31 1.72 -5.20
CA ASP A 106 -25.35 2.72 -4.91
C ASP A 106 -24.84 3.69 -3.84
N TRP A 107 -23.57 3.53 -3.47
CA TRP A 107 -22.89 4.37 -2.48
C TRP A 107 -23.46 4.25 -1.08
N ARG A 108 -24.15 3.14 -0.83
CA ARG A 108 -24.69 2.90 0.49
C ARG A 108 -23.74 1.98 1.25
N PHE A 109 -23.70 2.15 2.57
CA PHE A 109 -22.84 1.37 3.45
C PHE A 109 -22.89 -0.12 3.18
N LEU A 110 -21.71 -0.73 3.02
CA LEU A 110 -21.58 -2.17 2.80
C LEU A 110 -20.94 -2.82 4.01
N ARG A 111 -19.80 -2.28 4.45
CA ARG A 111 -19.07 -2.87 5.58
C ARG A 111 -18.14 -1.85 6.21
N GLY A 112 -17.82 -2.07 7.49
CA GLY A 112 -16.91 -1.17 8.17
C GLY A 112 -15.83 -2.01 8.84
N TYR A 113 -14.71 -1.39 9.22
CA TYR A 113 -13.69 -2.17 9.92
C TYR A 113 -12.80 -1.32 10.72
N HIS A 114 -12.22 -1.96 11.71
CA HIS A 114 -11.29 -1.28 12.60
C HIS A 114 -10.43 -2.40 13.12
N GLN A 115 -9.17 -2.45 12.66
CA GLN A 115 -8.23 -3.51 13.03
C GLN A 115 -6.98 -2.90 13.61
N TYR A 116 -6.36 -3.61 14.55
CA TYR A 116 -5.19 -3.12 15.26
C TYR A 116 -4.18 -4.26 15.31
N ALA A 117 -2.92 -3.93 15.10
CA ALA A 117 -1.86 -4.92 15.08
C ALA A 117 -0.70 -4.44 15.95
N TYR A 118 0.02 -5.40 16.52
CA TYR A 118 1.20 -5.14 17.32
C TYR A 118 2.28 -6.06 16.74
N ASP A 119 3.41 -5.44 16.41
CA ASP A 119 4.54 -6.12 15.81
C ASP A 119 4.19 -6.99 14.60
N GLY A 120 3.33 -6.45 13.74
CA GLY A 120 3.00 -7.12 12.50
C GLY A 120 1.98 -8.22 12.55
N LYS A 121 1.38 -8.44 13.71
CA LYS A 121 0.37 -9.49 13.84
C LYS A 121 -0.91 -8.92 14.38
N ASP A 122 -2.03 -9.53 14.02
CA ASP A 122 -3.32 -9.09 14.57
C ASP A 122 -3.24 -9.01 16.09
N TYR A 123 -3.83 -7.96 16.67
CA TYR A 123 -3.86 -7.80 18.13
C TYR A 123 -5.35 -7.80 18.52
N ILE A 124 -6.14 -6.89 17.93
CA ILE A 124 -7.58 -6.90 18.23
C ILE A 124 -8.26 -6.26 17.05
N ALA A 125 -9.46 -6.75 16.73
CA ALA A 125 -10.21 -6.22 15.60
C ALA A 125 -11.69 -6.24 15.92
N LEU A 126 -12.41 -5.29 15.32
CA LEU A 126 -13.84 -5.23 15.49
C LEU A 126 -14.37 -6.27 14.51
N LYS A 127 -15.40 -7.01 14.90
CA LYS A 127 -15.97 -8.02 14.01
C LYS A 127 -16.88 -7.35 13.02
N GLU A 128 -17.27 -8.07 11.97
CA GLU A 128 -18.09 -7.44 10.95
C GLU A 128 -19.41 -6.90 11.46
N ASP A 129 -19.92 -7.43 12.57
CA ASP A 129 -21.18 -6.89 13.08
C ASP A 129 -20.97 -5.54 13.76
N LEU A 130 -19.70 -5.14 13.91
CA LEU A 130 -19.36 -3.87 14.56
C LEU A 130 -19.90 -3.76 15.99
N ARG A 131 -20.07 -4.88 16.67
CA ARG A 131 -20.59 -4.89 18.04
C ARG A 131 -19.79 -5.80 18.97
N SER A 132 -18.73 -6.40 18.45
CA SER A 132 -17.94 -7.32 19.28
C SER A 132 -16.51 -7.37 18.75
N TRP A 133 -15.61 -7.89 19.56
CA TRP A 133 -14.21 -7.91 19.21
C TRP A 133 -13.60 -9.28 19.13
N THR A 134 -12.54 -9.38 18.33
CA THR A 134 -11.78 -10.61 18.24
C THR A 134 -10.40 -10.25 18.77
N ALA A 135 -10.01 -10.87 19.89
CA ALA A 135 -8.71 -10.62 20.50
C ALA A 135 -7.76 -11.75 20.14
N ALA A 136 -6.56 -11.39 19.71
CA ALA A 136 -5.59 -12.37 19.24
C ALA A 136 -5.02 -13.34 20.27
N ASP A 137 -4.79 -12.84 21.48
CA ASP A 137 -4.22 -13.67 22.51
C ASP A 137 -4.65 -13.24 23.90
N MET A 138 -4.00 -13.79 24.91
CA MET A 138 -4.35 -13.43 26.30
C MET A 138 -4.13 -11.99 26.65
N ALA A 139 -3.04 -11.41 26.16
CA ALA A 139 -2.79 -10.01 26.46
C ALA A 139 -3.88 -9.12 25.86
N ALA A 140 -4.26 -9.42 24.62
CA ALA A 140 -5.29 -8.64 23.96
C ALA A 140 -6.63 -8.78 24.63
N GLN A 141 -6.82 -9.87 25.39
CA GLN A 141 -8.08 -10.03 26.10
C GLN A 141 -8.26 -8.86 27.09
N THR A 142 -7.16 -8.36 27.65
CA THR A 142 -7.23 -7.23 28.57
C THR A 142 -7.78 -6.00 27.87
N THR A 143 -7.32 -5.75 26.64
CA THR A 143 -7.82 -4.58 25.90
C THR A 143 -9.29 -4.81 25.50
N LYS A 144 -9.60 -6.05 25.15
CA LYS A 144 -10.96 -6.40 24.77
C LYS A 144 -11.88 -6.07 25.93
N HIS A 145 -11.50 -6.47 27.15
CA HIS A 145 -12.37 -6.18 28.29
C HIS A 145 -12.50 -4.69 28.54
N LYS A 146 -11.39 -3.98 28.38
CA LYS A 146 -11.40 -2.55 28.60
C LYS A 146 -12.28 -1.85 27.57
N TRP A 147 -12.19 -2.26 26.30
CA TRP A 147 -12.97 -1.59 25.27
C TRP A 147 -14.43 -1.97 25.34
N GLU A 148 -14.71 -3.18 25.81
CA GLU A 148 -16.13 -3.53 26.00
C GLU A 148 -16.70 -2.66 27.12
N ALA A 149 -15.98 -2.52 28.22
CA ALA A 149 -16.49 -1.74 29.34
C ALA A 149 -16.73 -0.29 28.95
N ALA A 150 -15.85 0.25 28.11
CA ALA A 150 -15.96 1.63 27.67
C ALA A 150 -16.89 1.87 26.48
N HIS A 151 -17.52 0.81 25.95
CA HIS A 151 -18.44 0.90 24.79
C HIS A 151 -17.79 1.46 23.53
N VAL A 152 -16.54 1.07 23.33
CA VAL A 152 -15.79 1.52 22.15
C VAL A 152 -16.48 1.10 20.86
N ALA A 153 -16.94 -0.15 20.80
CA ALA A 153 -17.57 -0.61 19.58
C ALA A 153 -18.77 0.23 19.10
N GLU A 154 -19.65 0.64 20.01
CA GLU A 154 -20.79 1.43 19.55
C GLU A 154 -20.33 2.78 19.01
N GLN A 155 -19.23 3.30 19.55
CA GLN A 155 -18.70 4.56 19.06
C GLN A 155 -18.10 4.42 17.66
N LEU A 156 -17.31 3.37 17.45
CA LEU A 156 -16.74 3.14 16.14
C LEU A 156 -17.85 2.82 15.17
N ARG A 157 -18.83 2.04 15.62
CA ARG A 157 -19.94 1.72 14.73
C ARG A 157 -20.68 2.95 14.22
N ALA A 158 -20.89 3.93 15.10
CA ALA A 158 -21.59 5.14 14.71
C ALA A 158 -20.76 5.87 13.64
N TYR A 159 -19.44 5.88 13.84
CA TYR A 159 -18.55 6.55 12.89
C TYR A 159 -18.53 5.78 11.60
N LEU A 160 -18.30 4.46 11.67
CA LEU A 160 -18.21 3.66 10.46
C LEU A 160 -19.46 3.59 9.61
N GLU A 161 -20.63 3.60 10.23
CA GLU A 161 -21.88 3.53 9.47
C GLU A 161 -22.42 4.90 9.11
N GLY A 162 -21.89 5.94 9.73
CA GLY A 162 -22.40 7.27 9.44
C GLY A 162 -21.38 8.18 8.80
N THR A 163 -20.65 8.86 9.66
CA THR A 163 -19.62 9.79 9.27
C THR A 163 -18.72 9.27 8.16
N CYS A 164 -18.16 8.08 8.36
CA CYS A 164 -17.23 7.53 7.37
C CYS A 164 -17.86 7.49 5.98
N VAL A 165 -19.06 6.96 5.92
CA VAL A 165 -19.76 6.87 4.65
C VAL A 165 -20.15 8.23 4.08
N GLU A 166 -20.62 9.13 4.94
CA GLU A 166 -21.00 10.46 4.47
C GLU A 166 -19.80 11.15 3.85
N TRP A 167 -18.65 11.11 4.52
CA TRP A 167 -17.50 11.77 3.94
C TRP A 167 -16.96 11.06 2.69
N LEU A 168 -17.07 9.75 2.66
CA LEU A 168 -16.60 9.05 1.47
C LEU A 168 -17.43 9.54 0.28
N ARG A 169 -18.73 9.70 0.46
CA ARG A 169 -19.58 10.20 -0.64
C ARG A 169 -19.18 11.60 -1.06
N ARG A 170 -18.87 12.43 -0.07
CA ARG A 170 -18.47 13.79 -0.36
C ARG A 170 -17.19 13.80 -1.20
N TYR A 171 -16.23 12.98 -0.80
CA TYR A 171 -14.96 12.92 -1.50
C TYR A 171 -15.17 12.39 -2.92
N LEU A 172 -15.99 11.36 -3.05
CA LEU A 172 -16.22 10.79 -4.38
C LEU A 172 -16.81 11.83 -5.33
N GLU A 173 -17.66 12.70 -4.78
CA GLU A 173 -18.27 13.75 -5.58
C GLU A 173 -17.24 14.82 -5.91
N ASN A 174 -16.58 15.35 -4.88
CA ASN A 174 -15.58 16.38 -5.09
C ASN A 174 -14.42 15.97 -5.99
N GLY A 175 -14.03 14.71 -5.94
CA GLY A 175 -12.92 14.26 -6.77
C GLY A 175 -13.44 13.34 -7.86
N LYS A 176 -14.66 13.59 -8.32
CA LYS A 176 -15.26 12.73 -9.34
C LYS A 176 -14.35 12.43 -10.53
N GLU A 177 -13.68 13.45 -11.04
CA GLU A 177 -12.83 13.27 -12.21
C GLU A 177 -11.76 12.21 -12.08
N THR A 178 -11.13 12.15 -10.92
CA THR A 178 -10.08 11.18 -10.74
C THR A 178 -10.51 9.93 -9.96
N LEU A 179 -11.49 10.06 -9.06
CA LEU A 179 -11.93 8.91 -8.27
C LEU A 179 -12.96 8.01 -8.92
N GLN A 180 -13.86 8.60 -9.68
CA GLN A 180 -14.88 7.81 -10.34
C GLN A 180 -14.47 7.56 -11.77
N ARG A 181 -13.23 7.12 -11.95
CA ARG A 181 -12.73 6.86 -13.30
C ARG A 181 -12.15 5.48 -13.32
N THR A 182 -11.99 4.94 -14.52
CA THR A 182 -11.34 3.66 -14.63
C THR A 182 -10.42 3.86 -15.82
N ASP A 183 -9.20 3.38 -15.70
CA ASP A 183 -8.24 3.47 -16.80
C ASP A 183 -7.96 2.02 -17.15
N ALA A 184 -8.42 1.59 -18.32
CA ALA A 184 -8.21 0.23 -18.77
C ALA A 184 -6.73 0.00 -18.99
N PRO A 185 -6.27 -1.21 -18.71
CA PRO A 185 -4.85 -1.47 -18.93
C PRO A 185 -4.44 -1.48 -20.39
N LYS A 186 -3.23 -1.00 -20.66
CA LYS A 186 -2.65 -1.02 -21.99
C LYS A 186 -1.85 -2.32 -21.91
N THR A 187 -2.15 -3.29 -22.76
CA THR A 187 -1.49 -4.58 -22.66
C THR A 187 -0.61 -4.96 -23.82
N HIS A 188 0.36 -5.82 -23.54
CA HIS A 188 1.22 -6.36 -24.58
C HIS A 188 1.95 -7.58 -24.05
N MET A 189 2.68 -8.24 -24.93
CA MET A 189 3.43 -9.41 -24.51
C MET A 189 4.86 -9.31 -25.02
N THR A 190 5.80 -9.90 -24.28
CA THR A 190 7.17 -9.95 -24.75
C THR A 190 7.54 -11.43 -24.77
N HIS A 191 8.55 -11.75 -25.55
CA HIS A 191 8.99 -13.13 -25.73
C HIS A 191 10.51 -13.14 -25.71
N HIS A 192 11.08 -13.88 -24.76
CA HIS A 192 12.52 -13.95 -24.66
C HIS A 192 12.96 -15.38 -24.37
N ALA A 193 13.90 -15.86 -25.15
CA ALA A 193 14.41 -17.23 -24.97
C ALA A 193 15.15 -17.32 -23.66
N VAL A 194 15.00 -18.45 -22.96
CA VAL A 194 15.69 -18.67 -21.70
C VAL A 194 16.87 -19.59 -22.03
N SER A 195 16.69 -20.38 -23.09
CA SER A 195 17.70 -21.31 -23.59
C SER A 195 17.32 -21.70 -25.01
N ASP A 196 18.05 -22.67 -25.55
CA ASP A 196 17.80 -23.14 -26.89
C ASP A 196 16.50 -23.93 -26.98
N HIS A 197 15.92 -24.28 -25.84
CA HIS A 197 14.69 -25.06 -25.85
C HIS A 197 13.50 -24.42 -25.13
N GLU A 198 13.73 -23.30 -24.48
CA GLU A 198 12.66 -22.65 -23.72
C GLU A 198 12.62 -21.15 -23.92
N ALA A 199 11.44 -20.57 -23.74
CA ALA A 199 11.26 -19.12 -23.86
C ALA A 199 10.32 -18.60 -22.77
N THR A 200 10.52 -17.36 -22.36
CA THR A 200 9.66 -16.75 -21.35
C THR A 200 8.66 -15.87 -22.06
N LEU A 201 7.37 -16.07 -21.83
CA LEU A 201 6.36 -15.20 -22.43
C LEU A 201 5.90 -14.35 -21.24
N ARG A 202 5.93 -13.04 -21.39
CA ARG A 202 5.49 -12.17 -20.30
C ARG A 202 4.34 -11.31 -20.78
N CYS A 203 3.25 -11.36 -20.03
CA CYS A 203 2.03 -10.63 -20.33
C CYS A 203 2.08 -9.37 -19.45
N TRP A 204 1.93 -8.20 -20.07
CA TRP A 204 2.03 -6.92 -19.38
C TRP A 204 0.74 -6.13 -19.38
N ALA A 205 0.45 -5.50 -18.23
CA ALA A 205 -0.73 -4.62 -18.06
C ALA A 205 -0.16 -3.33 -17.48
N LEU A 206 -0.37 -2.22 -18.18
CA LEU A 206 0.19 -0.95 -17.74
C LEU A 206 -0.84 0.17 -17.72
N SER A 207 -0.52 1.22 -16.94
CA SER A 207 -1.35 2.41 -16.86
C SER A 207 -2.80 2.17 -16.49
N PHE A 208 -3.08 1.23 -15.59
CA PHE A 208 -4.47 0.97 -15.22
C PHE A 208 -4.87 1.50 -13.85
N TYR A 209 -6.16 1.65 -13.65
CA TYR A 209 -6.70 2.17 -12.39
C TYR A 209 -8.15 1.75 -12.41
N PRO A 210 -8.67 1.23 -11.29
CA PRO A 210 -7.97 1.00 -10.03
C PRO A 210 -6.96 -0.14 -10.08
N ALA A 211 -6.30 -0.38 -8.95
CA ALA A 211 -5.26 -1.39 -8.87
C ALA A 211 -5.71 -2.84 -9.06
N GLU A 212 -6.93 -3.16 -8.64
CA GLU A 212 -7.42 -4.53 -8.75
C GLU A 212 -7.37 -5.02 -10.22
N ILE A 213 -6.77 -6.18 -10.45
CA ILE A 213 -6.68 -6.72 -11.79
C ILE A 213 -6.31 -8.19 -11.69
N THR A 214 -6.67 -8.97 -12.71
CA THR A 214 -6.33 -10.37 -12.70
C THR A 214 -5.69 -10.73 -14.03
N LEU A 215 -4.48 -11.28 -13.95
CA LEU A 215 -3.76 -11.71 -15.13
C LEU A 215 -3.59 -13.21 -14.98
N THR A 216 -4.09 -13.98 -15.95
CA THR A 216 -3.93 -15.43 -15.87
C THR A 216 -3.40 -16.01 -17.19
N TRP A 217 -2.62 -17.08 -17.06
CA TRP A 217 -2.06 -17.77 -18.23
C TRP A 217 -2.76 -19.10 -18.35
N GLN A 218 -3.18 -19.41 -19.57
CA GLN A 218 -3.83 -20.66 -19.88
C GLN A 218 -3.04 -21.39 -20.97
N ARG A 219 -2.97 -22.71 -20.89
CA ARG A 219 -2.31 -23.51 -21.91
C ARG A 219 -3.43 -24.38 -22.45
N ASP A 220 -3.80 -24.18 -23.70
CA ASP A 220 -4.88 -24.90 -24.34
C ASP A 220 -6.13 -24.79 -23.48
N GLY A 221 -6.46 -23.55 -23.12
CA GLY A 221 -7.65 -23.26 -22.34
C GLY A 221 -7.66 -23.64 -20.87
N GLU A 222 -6.53 -24.09 -20.32
CA GLU A 222 -6.48 -24.49 -18.92
C GLU A 222 -5.47 -23.69 -18.12
N ASP A 223 -5.93 -23.14 -16.99
CA ASP A 223 -5.09 -22.33 -16.12
C ASP A 223 -3.70 -22.92 -15.85
N GLN A 224 -2.72 -22.02 -15.72
CA GLN A 224 -1.33 -22.40 -15.51
C GLN A 224 -0.69 -21.92 -14.21
N THR A 225 0.26 -22.71 -13.72
CA THR A 225 1.00 -22.38 -12.50
C THR A 225 2.44 -22.91 -12.58
N THR A 228 4.53 -20.48 -13.96
CA THR A 228 3.97 -19.13 -13.97
C THR A 228 4.58 -18.25 -12.88
N GLU A 229 4.79 -16.98 -13.19
CA GLU A 229 5.36 -16.04 -12.23
C GLU A 229 4.54 -14.76 -12.31
N LEU A 230 4.20 -14.22 -11.15
CA LEU A 230 3.38 -12.99 -11.09
C LEU A 230 4.07 -11.99 -10.17
N VAL A 231 4.12 -10.71 -10.54
CA VAL A 231 4.71 -9.77 -9.61
C VAL A 231 3.57 -9.06 -8.94
N GLU A 232 3.85 -8.48 -7.77
CA GLU A 232 2.86 -7.72 -7.07
C GLU A 232 2.52 -6.50 -7.94
N THR A 233 1.25 -6.11 -7.96
CA THR A 233 0.82 -4.92 -8.72
C THR A 233 1.61 -3.77 -8.10
N ARG A 234 2.16 -2.91 -8.95
CA ARG A 234 3.01 -1.82 -8.47
C ARG A 234 2.56 -0.44 -9.01
N PRO A 235 2.81 0.63 -8.23
CA PRO A 235 2.40 1.97 -8.67
C PRO A 235 3.37 2.57 -9.70
N ALA A 236 2.81 3.22 -10.72
CA ALA A 236 3.64 3.86 -11.77
C ALA A 236 4.17 5.20 -11.25
N GLY A 237 3.43 5.78 -10.32
CA GLY A 237 3.82 7.06 -9.73
C GLY A 237 2.97 8.20 -10.24
N ASP A 238 2.13 7.90 -11.22
CA ASP A 238 1.25 8.93 -11.84
C ASP A 238 -0.21 8.65 -11.57
N GLY A 239 -0.47 7.79 -10.58
CA GLY A 239 -1.85 7.48 -10.26
C GLY A 239 -2.35 6.18 -10.89
N THR A 240 -1.52 5.54 -11.71
CA THR A 240 -1.94 4.28 -12.29
C THR A 240 -1.04 3.18 -11.79
N PHE A 241 -1.33 1.96 -12.23
CA PHE A 241 -0.61 0.79 -11.76
C PHE A 241 -0.12 -0.07 -12.89
N GLN A 242 0.79 -1.00 -12.55
CA GLN A 242 1.39 -1.89 -13.54
C GLN A 242 1.46 -3.28 -12.96
N LYS A 243 1.47 -4.29 -13.85
CA LYS A 243 1.61 -5.67 -13.41
C LYS A 243 1.99 -6.53 -14.58
N TRP A 244 2.73 -7.59 -14.30
CA TRP A 244 2.99 -8.55 -15.35
C TRP A 244 2.93 -9.96 -14.79
N ALA A 245 2.74 -10.91 -15.70
CA ALA A 245 2.66 -12.35 -15.37
C ALA A 245 3.47 -13.03 -16.47
N ALA A 246 4.25 -14.04 -16.10
CA ALA A 246 5.07 -14.73 -17.10
C ALA A 246 4.97 -16.25 -16.99
N VAL A 247 5.25 -16.94 -18.08
CA VAL A 247 5.23 -18.39 -18.09
C VAL A 247 6.41 -18.82 -18.95
N VAL A 248 7.03 -19.94 -18.60
CA VAL A 248 8.15 -20.47 -19.38
C VAL A 248 7.59 -21.55 -20.27
N VAL A 249 7.79 -21.43 -21.57
CA VAL A 249 7.21 -22.41 -22.47
C VAL A 249 8.24 -23.06 -23.35
N PRO A 250 7.94 -24.28 -23.85
CA PRO A 250 8.91 -24.96 -24.72
C PRO A 250 8.92 -24.21 -26.03
N SER A 251 10.10 -23.87 -26.54
CA SER A 251 10.17 -23.15 -27.81
C SER A 251 9.36 -23.91 -28.84
N GLY A 252 8.57 -23.18 -29.63
CA GLY A 252 7.75 -23.82 -30.63
C GLY A 252 6.32 -24.06 -30.18
N GLN A 253 6.07 -24.03 -28.86
CA GLN A 253 4.70 -24.25 -28.36
C GLN A 253 4.00 -22.95 -27.92
N GLU A 254 4.59 -21.80 -28.25
CA GLU A 254 4.02 -20.50 -27.87
C GLU A 254 2.53 -20.39 -28.12
N GLN A 255 2.08 -20.91 -29.24
CA GLN A 255 0.66 -20.83 -29.57
C GLN A 255 -0.27 -21.59 -28.64
N ARG A 256 0.26 -22.48 -27.81
CA ARG A 256 -0.59 -23.23 -26.88
C ARG A 256 -0.97 -22.32 -25.69
N TYR A 257 -0.33 -21.15 -25.59
CA TYR A 257 -0.58 -20.24 -24.47
C TYR A 257 -1.32 -18.95 -24.74
N THR A 258 -2.19 -18.60 -23.81
CA THR A 258 -2.94 -17.36 -23.92
C THR A 258 -2.91 -16.69 -22.56
N CYS A 259 -2.90 -15.36 -22.55
CA CYS A 259 -2.88 -14.60 -21.32
C CYS A 259 -4.20 -13.89 -21.25
N HIS A 260 -4.83 -13.97 -20.07
CA HIS A 260 -6.14 -13.37 -19.91
C HIS A 260 -6.07 -12.28 -18.89
N VAL A 261 -6.63 -11.15 -19.25
CA VAL A 261 -6.61 -9.96 -18.42
C VAL A 261 -8.01 -9.54 -18.07
N GLN A 262 -8.28 -9.37 -16.77
CA GLN A 262 -9.57 -8.90 -16.33
C GLN A 262 -9.38 -7.63 -15.54
N HIS A 263 -10.19 -6.62 -15.84
CA HIS A 263 -10.09 -5.33 -15.15
C HIS A 263 -11.40 -4.61 -15.32
N GLU A 264 -11.85 -3.93 -14.27
CA GLU A 264 -13.12 -3.24 -14.35
C GLU A 264 -13.18 -2.18 -15.44
N GLY A 265 -12.02 -1.80 -15.97
CA GLY A 265 -12.02 -0.80 -17.03
C GLY A 265 -12.16 -1.44 -18.41
N LEU A 266 -12.16 -2.77 -18.45
CA LEU A 266 -12.27 -3.51 -19.71
C LEU A 266 -13.69 -3.99 -20.00
N PRO A 267 -14.23 -3.61 -21.18
CA PRO A 267 -15.59 -3.99 -21.63
C PRO A 267 -15.79 -5.45 -21.30
N LYS A 268 -14.87 -6.27 -21.80
CA LYS A 268 -14.86 -7.71 -21.58
C LYS A 268 -13.37 -8.11 -21.43
N PRO A 269 -13.10 -9.22 -20.73
CA PRO A 269 -11.73 -9.71 -20.51
C PRO A 269 -10.95 -9.79 -21.82
N LEU A 270 -9.65 -9.50 -21.76
CA LEU A 270 -8.82 -9.56 -22.96
C LEU A 270 -8.11 -10.88 -23.02
N THR A 271 -7.82 -11.32 -24.24
CA THR A 271 -7.09 -12.55 -24.46
C THR A 271 -5.93 -12.15 -25.34
N LEU A 272 -4.72 -12.39 -24.88
CA LEU A 272 -3.55 -12.03 -25.67
C LEU A 272 -2.84 -13.32 -26.05
N ARG A 273 -2.21 -13.33 -27.21
CA ARG A 273 -1.47 -14.49 -27.67
C ARG A 273 -0.22 -13.93 -28.32
N TRP A 274 0.85 -14.70 -28.34
CA TRP A 274 2.08 -14.24 -29.00
C TRP A 274 1.89 -14.46 -30.49
N GLU A 275 1.51 -13.41 -31.20
CA GLU A 275 1.29 -13.47 -32.64
C GLU A 275 1.38 -12.09 -33.24
N MET B 1 6.82 -11.10 17.70
CA MET B 1 7.57 -10.47 16.59
C MET B 1 7.42 -11.22 15.26
N ILE B 2 7.49 -10.45 14.17
CA ILE B 2 7.40 -10.95 12.79
C ILE B 2 8.44 -10.18 11.97
N GLN B 3 9.10 -10.82 11.03
CA GLN B 3 10.04 -10.14 10.15
C GLN B 3 9.70 -10.64 8.76
N ARG B 4 9.51 -9.71 7.83
CA ARG B 4 9.20 -10.08 6.45
C ARG B 4 10.22 -9.37 5.59
N THR B 5 10.81 -10.09 4.65
CA THR B 5 11.83 -9.48 3.81
C THR B 5 11.18 -8.73 2.63
N PRO B 6 11.76 -7.60 2.23
CA PRO B 6 11.15 -6.85 1.12
C PRO B 6 11.21 -7.47 -0.25
N LYS B 7 10.15 -7.27 -1.02
CA LYS B 7 10.08 -7.68 -2.41
C LYS B 7 10.50 -6.34 -3.04
N ILE B 8 11.32 -6.40 -4.08
CA ILE B 8 11.84 -5.16 -4.66
C ILE B 8 11.67 -5.17 -6.19
N GLN B 9 11.10 -4.12 -6.75
CA GLN B 9 10.93 -3.99 -8.19
C GLN B 9 11.51 -2.66 -8.64
N VAL B 10 12.27 -2.67 -9.74
CA VAL B 10 12.93 -1.46 -10.23
C VAL B 10 12.42 -1.31 -11.67
N TYR B 11 11.82 -0.17 -11.95
CA TYR B 11 11.20 0.01 -13.27
C TYR B 11 10.90 1.46 -13.57
N SER B 12 10.61 1.77 -14.84
CA SER B 12 10.29 3.16 -15.13
C SER B 12 8.79 3.42 -15.15
N ARG B 13 8.44 4.67 -14.92
CA ARG B 13 7.04 5.04 -14.91
C ARG B 13 6.38 4.82 -16.28
N HIS B 14 7.06 5.29 -17.34
CA HIS B 14 6.58 5.16 -18.72
C HIS B 14 7.57 4.29 -19.45
N PRO B 15 7.15 3.63 -20.57
CA PRO B 15 8.14 2.81 -21.26
C PRO B 15 9.37 3.69 -21.56
N ALA B 16 10.55 3.13 -21.35
CA ALA B 16 11.79 3.88 -21.47
C ALA B 16 12.29 4.12 -22.90
N GLU B 17 12.63 5.36 -23.19
CA GLU B 17 13.13 5.75 -24.50
C GLU B 17 14.33 6.60 -24.23
N ASN B 18 15.51 6.20 -24.72
CA ASN B 18 16.70 7.00 -24.47
C ASN B 18 16.49 8.42 -24.93
N GLY B 19 16.95 9.37 -24.12
CA GLY B 19 16.80 10.78 -24.47
C GLY B 19 15.49 11.40 -24.05
N LYS B 20 14.57 10.62 -23.49
CA LYS B 20 13.29 11.18 -23.06
C LYS B 20 13.12 11.16 -21.54
N SER B 21 12.76 12.30 -20.96
CA SER B 21 12.59 12.36 -19.49
C SER B 21 11.55 11.34 -19.04
N ASN B 22 11.76 10.78 -17.83
CA ASN B 22 10.88 9.72 -17.31
C ASN B 22 11.13 9.74 -15.80
N PHE B 23 10.62 8.71 -15.12
CA PHE B 23 10.86 8.55 -13.70
C PHE B 23 11.30 7.11 -13.50
N LEU B 24 12.30 6.93 -12.63
CA LEU B 24 12.82 5.61 -12.28
C LEU B 24 12.24 5.31 -10.90
N ASN B 25 11.64 4.13 -10.77
CA ASN B 25 10.98 3.71 -9.53
C ASN B 25 11.62 2.49 -8.88
N CYS B 26 11.62 2.50 -7.55
CA CYS B 26 12.07 1.36 -6.80
C CYS B 26 10.91 1.14 -5.81
N TYR B 27 10.15 0.09 -6.04
CA TYR B 27 9.00 -0.22 -5.20
C TYR B 27 9.39 -1.34 -4.26
N VAL B 28 9.31 -1.08 -2.97
CA VAL B 28 9.67 -2.09 -1.97
C VAL B 28 8.40 -2.40 -1.20
N SER B 29 8.05 -3.69 -1.16
CA SER B 29 6.79 -4.06 -0.51
C SER B 29 6.89 -5.35 0.27
N GLY B 30 5.86 -5.62 1.05
CA GLY B 30 5.82 -6.86 1.82
C GLY B 30 6.82 -6.94 2.95
N PHE B 31 7.33 -5.82 3.45
CA PHE B 31 8.31 -5.92 4.52
C PHE B 31 7.82 -5.55 5.91
N HIS B 32 8.55 -6.01 6.92
CA HIS B 32 8.23 -5.70 8.33
C HIS B 32 9.49 -6.10 9.11
N PRO B 33 9.96 -5.24 10.03
CA PRO B 33 9.41 -3.94 10.44
C PRO B 33 9.64 -2.86 9.39
N SER B 34 9.22 -1.64 9.72
CA SER B 34 9.26 -0.59 8.71
C SER B 34 10.61 0.07 8.43
N ASP B 35 11.56 -0.08 9.35
CA ASP B 35 12.90 0.53 9.16
C ASP B 35 13.54 -0.11 7.91
N ILE B 36 13.86 0.70 6.91
CA ILE B 36 14.43 0.16 5.67
C ILE B 36 15.24 1.29 5.05
N GLU B 37 16.31 0.92 4.35
CA GLU B 37 17.20 1.88 3.69
C GLU B 37 16.99 1.62 2.22
N VAL B 38 16.67 2.67 1.46
CA VAL B 38 16.48 2.51 0.02
C VAL B 38 17.19 3.65 -0.70
N ASP B 39 18.06 3.27 -1.63
CA ASP B 39 18.81 4.24 -2.42
C ASP B 39 18.79 3.85 -3.87
N LEU B 40 18.62 4.85 -4.73
CA LEU B 40 18.65 4.62 -6.16
C LEU B 40 20.09 4.97 -6.56
N LEU B 41 20.66 4.18 -7.45
CA LEU B 41 22.05 4.36 -7.89
C LEU B 41 22.13 4.55 -9.38
N LYS B 42 23.08 5.37 -9.81
CA LYS B 42 23.29 5.64 -11.24
C LYS B 42 24.76 5.32 -11.43
N ASN B 43 25.04 4.29 -12.21
CA ASN B 43 26.41 3.85 -12.42
C ASN B 43 27.09 3.66 -11.04
N GLY B 44 26.36 3.07 -10.12
CA GLY B 44 26.91 2.80 -8.81
C GLY B 44 26.98 3.93 -7.80
N GLU B 45 26.59 5.14 -8.17
CA GLU B 45 26.67 6.26 -7.22
C GLU B 45 25.27 6.66 -6.80
N ARG B 46 25.07 6.96 -5.51
CA ARG B 46 23.72 7.28 -5.08
C ARG B 46 23.20 8.58 -5.69
N ILE B 47 21.91 8.58 -5.98
CA ILE B 47 21.22 9.72 -6.55
C ILE B 47 20.65 10.44 -5.34
N GLU B 48 20.89 11.74 -5.25
CA GLU B 48 20.38 12.50 -4.11
C GLU B 48 18.92 12.89 -4.27
N LYS B 49 18.53 13.33 -5.47
CA LYS B 49 17.17 13.80 -5.65
C LYS B 49 16.16 12.67 -5.87
N VAL B 50 15.85 11.97 -4.79
CA VAL B 50 14.90 10.85 -4.82
C VAL B 50 13.79 11.18 -3.84
N GLU B 51 12.55 10.96 -4.25
CA GLU B 51 11.40 11.21 -3.39
C GLU B 51 10.80 9.88 -2.99
N HIS B 52 9.99 9.88 -1.95
CA HIS B 52 9.39 8.60 -1.58
C HIS B 52 8.00 8.82 -1.07
N SER B 53 7.18 7.77 -1.17
CA SER B 53 5.78 7.83 -0.75
C SER B 53 5.65 7.78 0.79
N ASP B 54 4.45 8.05 1.29
CA ASP B 54 4.22 8.02 2.73
C ASP B 54 4.00 6.55 3.11
N LEU B 55 4.70 6.11 4.15
CA LEU B 55 4.61 4.73 4.58
C LEU B 55 3.19 4.25 4.74
N SER B 56 2.85 3.14 4.09
CA SER B 56 1.53 2.57 4.25
C SER B 56 1.67 1.05 4.33
N PHE B 57 0.56 0.34 4.45
CA PHE B 57 0.69 -1.11 4.57
C PHE B 57 -0.48 -1.84 3.98
N SER B 58 -0.25 -3.12 3.69
CA SER B 58 -1.24 -3.96 3.06
C SER B 58 -2.10 -4.69 4.05
N LYS B 59 -3.05 -5.46 3.53
CA LYS B 59 -3.98 -6.18 4.38
C LYS B 59 -3.28 -7.08 5.41
N ASP B 60 -2.13 -7.65 5.05
CA ASP B 60 -1.40 -8.51 5.99
C ASP B 60 -0.46 -7.75 6.92
N TRP B 61 -0.66 -6.43 6.99
CA TRP B 61 0.13 -5.49 7.80
C TRP B 61 1.54 -5.23 7.26
N SER B 62 1.90 -5.81 6.12
CA SER B 62 3.24 -5.59 5.61
C SER B 62 3.30 -4.21 4.95
N PHE B 63 4.46 -3.59 5.04
CA PHE B 63 4.65 -2.22 4.55
C PHE B 63 5.08 -2.12 3.09
N TYR B 64 4.76 -0.99 2.47
CA TYR B 64 5.24 -0.77 1.10
C TYR B 64 5.57 0.70 0.97
N LEU B 65 6.54 0.98 0.10
CA LEU B 65 7.03 2.32 -0.18
C LEU B 65 7.48 2.40 -1.59
N LEU B 66 7.27 3.55 -2.18
CA LEU B 66 7.76 3.76 -3.53
C LEU B 66 8.79 4.90 -3.47
N TYR B 67 9.97 4.63 -4.02
CA TYR B 67 11.02 5.62 -4.11
C TYR B 67 11.12 5.93 -5.59
N TYR B 68 11.28 7.21 -5.93
CA TYR B 68 11.34 7.54 -7.34
C TYR B 68 12.17 8.76 -7.61
N THR B 69 12.63 8.86 -8.84
CA THR B 69 13.47 10.00 -9.20
C THR B 69 13.26 10.33 -10.68
N GLU B 70 13.33 11.61 -11.04
CA GLU B 70 13.15 11.98 -12.45
C GLU B 70 14.47 11.73 -13.14
N PHE B 71 14.45 11.10 -14.31
CA PHE B 71 15.71 10.84 -15.01
C PHE B 71 15.48 10.76 -16.52
N THR B 72 16.58 10.82 -17.29
CA THR B 72 16.47 10.68 -18.74
C THR B 72 17.38 9.51 -19.04
N PRO B 73 16.79 8.36 -19.37
CA PRO B 73 17.61 7.19 -19.67
C PRO B 73 18.52 7.41 -20.87
N THR B 74 19.66 6.73 -20.85
CA THR B 74 20.62 6.77 -21.96
C THR B 74 21.10 5.35 -22.18
N GLU B 75 21.75 5.13 -23.31
CA GLU B 75 22.24 3.80 -23.57
C GLU B 75 23.34 3.37 -22.59
N LYS B 76 24.19 4.29 -22.15
CA LYS B 76 25.28 3.90 -21.25
C LYS B 76 25.00 3.87 -19.76
N ASP B 77 24.01 4.64 -19.31
CA ASP B 77 23.72 4.70 -17.87
C ASP B 77 23.03 3.46 -17.30
N GLU B 78 23.63 2.90 -16.27
CA GLU B 78 23.13 1.71 -15.58
C GLU B 78 22.48 2.18 -14.29
N TYR B 79 21.27 1.71 -14.00
CA TYR B 79 20.62 2.12 -12.75
C TYR B 79 20.27 0.93 -11.88
N ALA B 80 20.17 1.17 -10.58
CA ALA B 80 19.85 0.10 -9.66
C ALA B 80 19.26 0.64 -8.37
N CYS B 81 18.66 -0.24 -7.59
CA CYS B 81 18.10 0.15 -6.31
C CYS B 81 18.84 -0.64 -5.24
N ARG B 82 19.30 0.03 -4.18
CA ARG B 82 20.00 -0.62 -3.10
C ARG B 82 19.08 -0.63 -1.91
N VAL B 83 18.82 -1.80 -1.36
CA VAL B 83 17.93 -1.89 -0.21
C VAL B 83 18.57 -2.61 0.97
N ASN B 84 18.43 -2.03 2.17
CA ASN B 84 18.93 -2.77 3.33
C ASN B 84 17.79 -2.86 4.32
N HIS B 85 17.74 -3.99 5.03
CA HIS B 85 16.65 -4.27 5.97
C HIS B 85 17.15 -5.29 6.97
N VAL B 86 16.50 -5.37 8.13
CA VAL B 86 16.99 -6.31 9.13
C VAL B 86 16.96 -7.74 8.64
N THR B 87 16.11 -8.03 7.65
CA THR B 87 16.00 -9.39 7.14
C THR B 87 17.05 -9.79 6.13
N LEU B 88 17.93 -8.87 5.79
CA LEU B 88 18.93 -9.15 4.76
C LEU B 88 20.30 -9.33 5.38
N SER B 89 21.01 -10.41 5.04
CA SER B 89 22.34 -10.63 5.60
C SER B 89 23.28 -9.54 5.08
N GLN B 90 23.00 -9.06 3.87
CA GLN B 90 23.78 -7.97 3.28
C GLN B 90 22.80 -7.19 2.39
N PRO B 91 23.12 -5.93 2.10
CA PRO B 91 22.24 -5.09 1.26
C PRO B 91 21.98 -5.75 -0.10
N LYS B 92 20.77 -5.56 -0.62
CA LYS B 92 20.43 -6.18 -1.89
C LYS B 92 20.46 -5.09 -2.96
N ILE B 93 21.16 -5.32 -4.07
CA ILE B 93 21.22 -4.33 -5.13
C ILE B 93 20.47 -4.95 -6.30
N VAL B 94 19.40 -4.29 -6.73
CA VAL B 94 18.61 -4.79 -7.82
C VAL B 94 18.73 -3.85 -9.02
N LYS B 95 19.22 -4.39 -10.13
CA LYS B 95 19.44 -3.55 -11.30
C LYS B 95 18.17 -3.33 -12.04
N TRP B 96 18.09 -2.19 -12.72
CA TRP B 96 16.94 -1.89 -13.54
C TRP B 96 17.14 -2.76 -14.79
N ASP B 97 16.25 -3.71 -15.03
CA ASP B 97 16.35 -4.59 -16.21
C ASP B 97 15.47 -3.96 -17.28
N ARG B 98 16.08 -3.33 -18.27
CA ARG B 98 15.32 -2.65 -19.32
C ARG B 98 14.77 -3.60 -20.38
N ASP B 99 15.12 -4.87 -20.32
CA ASP B 99 14.66 -5.82 -21.35
C ASP B 99 13.67 -6.91 -20.93
N MET B 100 12.52 -6.53 -20.38
CA MET B 100 11.56 -7.57 -19.96
C MET B 100 10.24 -7.50 -20.71
N GLU C 1 -13.09 11.91 6.51
CA GLU C 1 -12.57 12.59 7.74
C GLU C 1 -12.27 11.54 8.83
N LEU C 2 -11.31 11.84 9.69
CA LEU C 2 -10.91 10.91 10.76
C LEU C 2 -12.00 10.71 11.80
N ALA C 3 -11.95 9.56 12.49
CA ALA C 3 -12.89 9.29 13.57
C ALA C 3 -12.61 10.29 14.72
N GLY C 4 -13.68 10.81 15.34
CA GLY C 4 -13.51 11.74 16.45
C GLY C 4 -13.91 11.07 17.76
N ILE C 5 -14.39 9.82 17.64
CA ILE C 5 -14.81 9.02 18.79
C ILE C 5 -14.35 7.58 18.53
N GLY C 6 -14.35 6.76 19.58
CA GLY C 6 -13.98 5.36 19.41
C GLY C 6 -12.50 5.02 19.38
N ILE C 7 -11.65 6.03 19.52
CA ILE C 7 -10.20 5.85 19.49
C ILE C 7 -9.74 6.01 20.94
N LEU C 8 -9.48 4.88 21.59
N LEU C 8 -9.48 4.88 21.59
CA LEU C 8 -9.09 4.88 23.00
CA LEU C 8 -9.08 4.88 22.99
C LEU C 8 -7.88 3.99 23.19
C LEU C 8 -7.80 4.06 23.12
N THR C 9 -7.11 4.27 24.22
CA THR C 9 -5.90 3.54 24.47
C THR C 9 -6.20 2.06 24.80
N VAL C 10 -5.28 1.17 24.44
CA VAL C 10 -5.42 -0.28 24.65
C VAL C 10 -5.19 -0.67 26.12
#